data_2OW1
#
_entry.id   2OW1
#
_cell.length_a   55.720
_cell.length_b   55.720
_cell.length_c   260.450
_cell.angle_alpha   90.00
_cell.angle_beta   90.00
_cell.angle_gamma   90.00
#
_symmetry.space_group_name_H-M   'P 41 21 2'
#
loop_
_entity.id
_entity.type
_entity.pdbx_description
1 polymer 'Matrix metalloproteinase-9 (MMP-9) (92 kDa type IV collagenase) (92 kDa gelatinase) (Gelatinase B) (GELB)'
2 non-polymer 'ZINC ION'
3 non-polymer 'CALCIUM ION'
4 non-polymer 'CHLORIDE ION'
5 non-polymer (2R)-2-AMINO-3,3,3-TRIFLUORO-N-HYDROXY-2-{[(4-PHENOXYPHENYL)SULFONYL]METHYL}PROPANAMIDE
6 water water
#
_entity_poly.entity_id   1
_entity_poly.type   'polypeptide(L)'
_entity_poly.pdbx_seq_one_letter_code
;FEGDLKWHHHNITYWIQNYSEDLPRAVIDDAFARAFALWSAVTPLTFTRVYSRDADIVIQFGVAEHGDGYPFDGKDGLLA
HAFPPGPGIQGDAHFDDDELWSLGKGQGYSLFLVAAHQFGHALGLDHSSVPEALMYPMYRFTEGPPLHKDDVNGIRHLY
;
_entity_poly.pdbx_strand_id   A,B
#
loop_
_chem_comp.id
_chem_comp.type
_chem_comp.name
_chem_comp.formula
7MR non-polymer (2R)-2-AMINO-3,3,3-TRIFLUORO-N-HYDROXY-2-{[(4-PHENOXYPHENYL)SULFONYL]METHYL}PROPANAMIDE 'C16 H15 F3 N2 O5 S'
CA non-polymer 'CALCIUM ION' 'Ca 2'
CL non-polymer 'CHLORIDE ION' 'Cl -1'
ZN non-polymer 'ZINC ION' 'Zn 2'
#
# COMPACT_ATOMS: atom_id res chain seq x y z
N PHE A 1 5.66 2.17 -20.49
CA PHE A 1 4.74 3.30 -20.20
C PHE A 1 4.24 3.93 -21.50
N GLU A 2 4.01 3.11 -22.51
CA GLU A 2 3.51 3.58 -23.80
C GLU A 2 2.02 3.83 -23.69
N GLY A 3 1.60 5.03 -24.09
CA GLY A 3 0.19 5.37 -24.03
C GLY A 3 -0.18 6.54 -24.92
N ASP A 4 -1.31 6.41 -25.59
CA ASP A 4 -1.80 7.45 -26.50
C ASP A 4 -3.26 7.77 -26.20
N LEU A 5 -3.72 7.39 -25.01
CA LEU A 5 -5.09 7.64 -24.61
C LEU A 5 -5.19 8.74 -23.56
N LYS A 6 -6.35 9.37 -23.50
CA LYS A 6 -6.60 10.40 -22.52
C LYS A 6 -7.82 9.95 -21.76
N TRP A 7 -8.10 10.56 -20.62
CA TRP A 7 -9.27 10.19 -19.83
C TRP A 7 -10.52 10.70 -20.54
N HIS A 8 -11.59 9.93 -20.50
CA HIS A 8 -12.83 10.35 -21.14
C HIS A 8 -13.78 10.98 -20.14
N HIS A 9 -13.22 11.46 -19.02
CA HIS A 9 -13.98 12.16 -18.01
C HIS A 9 -13.02 13.14 -17.36
N HIS A 10 -13.57 14.22 -16.81
CA HIS A 10 -12.76 15.25 -16.19
C HIS A 10 -12.77 15.19 -14.66
N ASN A 11 -13.66 14.39 -14.10
CA ASN A 11 -13.76 14.25 -12.65
C ASN A 11 -12.85 13.09 -12.21
N ILE A 12 -11.54 13.36 -12.20
CA ILE A 12 -10.54 12.37 -11.85
C ILE A 12 -10.45 12.11 -10.35
N THR A 13 -10.31 10.83 -9.99
CA THR A 13 -10.23 10.43 -8.59
C THR A 13 -8.87 9.80 -8.28
N TYR A 14 -8.37 10.01 -7.07
CA TYR A 14 -7.09 9.42 -6.70
C TYR A 14 -7.17 8.78 -5.33
N TRP A 15 -6.36 7.74 -5.15
CA TRP A 15 -6.33 7.04 -3.88
C TRP A 15 -4.89 6.92 -3.39
N ILE A 16 -4.62 7.52 -2.22
CA ILE A 16 -3.31 7.45 -1.63
C ILE A 16 -3.28 6.11 -0.92
N GLN A 17 -2.81 5.08 -1.62
CA GLN A 17 -2.77 3.74 -1.02
C GLN A 17 -1.91 3.68 0.24
N ASN A 18 -0.64 4.04 0.13
CA ASN A 18 0.25 4.03 1.29
C ASN A 18 1.10 5.30 1.39
N TYR A 19 1.96 5.38 2.40
CA TYR A 19 2.78 6.58 2.60
C TYR A 19 4.27 6.34 2.70
N SER A 20 5.03 7.42 2.55
CA SER A 20 6.48 7.37 2.69
C SER A 20 6.72 7.58 4.18
N GLU A 21 7.78 6.97 4.70
CA GLU A 21 8.12 7.09 6.12
C GLU A 21 8.91 8.38 6.39
N ASP A 22 9.17 9.16 5.35
CA ASP A 22 9.95 10.39 5.49
C ASP A 22 9.15 11.63 5.91
N LEU A 23 7.85 11.61 5.62
CA LEU A 23 7.00 12.75 5.92
C LEU A 23 5.68 12.41 6.61
N PRO A 24 5.15 13.35 7.39
CA PRO A 24 3.88 13.15 8.11
C PRO A 24 2.78 12.91 7.07
N ARG A 25 1.80 12.08 7.41
CA ARG A 25 0.71 11.81 6.47
C ARG A 25 0.00 13.11 6.05
N ALA A 26 -0.15 14.05 6.99
CA ALA A 26 -0.81 15.32 6.67
C ALA A 26 0.00 16.08 5.62
N VAL A 27 1.33 16.04 5.72
CA VAL A 27 2.17 16.72 4.75
C VAL A 27 2.08 16.04 3.37
N ILE A 28 2.02 14.72 3.36
CA ILE A 28 1.93 13.96 2.12
C ILE A 28 0.62 14.26 1.38
N ASP A 29 -0.50 14.16 2.11
CA ASP A 29 -1.81 14.42 1.53
C ASP A 29 -1.89 15.82 0.93
N ASP A 30 -1.30 16.79 1.62
CA ASP A 30 -1.32 18.17 1.16
C ASP A 30 -0.43 18.37 -0.06
N ALA A 31 0.69 17.67 -0.07
CA ALA A 31 1.62 17.77 -1.19
C ALA A 31 0.91 17.26 -2.44
N PHE A 32 0.32 16.06 -2.36
CA PHE A 32 -0.38 15.51 -3.50
C PHE A 32 -1.51 16.43 -3.96
N ALA A 33 -2.31 16.91 -3.01
CA ALA A 33 -3.42 17.81 -3.33
C ALA A 33 -2.92 19.06 -4.05
N ARG A 34 -1.81 19.63 -3.56
CA ARG A 34 -1.28 20.83 -4.20
C ARG A 34 -0.74 20.50 -5.60
N ALA A 35 -0.18 19.31 -5.76
CA ALA A 35 0.35 18.91 -7.06
C ALA A 35 -0.79 18.79 -8.06
N PHE A 36 -1.90 18.20 -7.62
CA PHE A 36 -3.07 18.06 -8.48
C PHE A 36 -3.66 19.43 -8.79
N ALA A 37 -3.71 20.31 -7.79
CA ALA A 37 -4.27 21.65 -7.95
C ALA A 37 -3.57 22.44 -9.07
N LEU A 38 -2.32 22.10 -9.36
CA LEU A 38 -1.58 22.80 -10.40
C LEU A 38 -2.24 22.54 -11.75
N TRP A 39 -2.65 21.30 -11.95
CA TRP A 39 -3.27 20.89 -13.20
C TRP A 39 -4.72 21.36 -13.33
N SER A 40 -5.48 21.33 -12.24
CA SER A 40 -6.87 21.75 -12.30
C SER A 40 -6.95 23.26 -12.49
N ALA A 41 -5.91 23.97 -12.07
CA ALA A 41 -5.91 25.42 -12.20
C ALA A 41 -5.96 25.91 -13.65
N VAL A 42 -5.48 25.09 -14.59
CA VAL A 42 -5.46 25.51 -15.98
C VAL A 42 -6.26 24.60 -16.92
N THR A 43 -7.19 23.83 -16.36
CA THR A 43 -8.00 22.94 -17.17
C THR A 43 -9.34 22.74 -16.49
N PRO A 44 -10.28 22.07 -17.16
CA PRO A 44 -11.60 21.82 -16.56
C PRO A 44 -11.54 20.54 -15.73
N LEU A 45 -10.32 20.04 -15.52
CA LEU A 45 -10.15 18.82 -14.74
C LEU A 45 -10.29 19.06 -13.24
N THR A 46 -10.82 18.06 -12.53
CA THR A 46 -10.94 18.16 -11.08
C THR A 46 -10.33 16.89 -10.51
N PHE A 47 -9.92 16.94 -9.25
CA PHE A 47 -9.31 15.79 -8.61
C PHE A 47 -9.92 15.56 -7.24
N THR A 48 -10.46 14.38 -7.05
CA THR A 48 -11.13 14.03 -5.82
C THR A 48 -10.47 12.83 -5.15
N ARG A 49 -10.10 12.99 -3.90
CA ARG A 49 -9.47 11.90 -3.17
C ARG A 49 -10.53 10.91 -2.72
N VAL A 50 -10.30 9.62 -3.01
CA VAL A 50 -11.22 8.57 -2.62
C VAL A 50 -10.43 7.50 -1.88
N TYR A 51 -11.14 6.52 -1.33
CA TYR A 51 -10.50 5.42 -0.60
C TYR A 51 -10.96 4.09 -1.19
N SER A 52 -10.51 3.81 -2.41
CA SER A 52 -10.89 2.59 -3.12
C SER A 52 -9.92 2.30 -4.24
N ARG A 53 -9.72 1.01 -4.55
CA ARG A 53 -8.84 0.65 -5.65
C ARG A 53 -9.47 1.05 -6.98
N ASP A 54 -10.71 1.52 -6.94
CA ASP A 54 -11.41 1.93 -8.16
C ASP A 54 -11.01 3.34 -8.62
N ALA A 55 -10.24 4.04 -7.79
CA ALA A 55 -9.80 5.38 -8.15
C ALA A 55 -9.04 5.32 -9.48
N ASP A 56 -9.10 6.41 -10.24
CA ASP A 56 -8.40 6.44 -11.51
C ASP A 56 -6.90 6.39 -11.25
N ILE A 57 -6.43 7.28 -10.39
CA ILE A 57 -5.02 7.33 -10.06
C ILE A 57 -4.71 6.73 -8.70
N VAL A 58 -4.10 5.55 -8.71
CA VAL A 58 -3.72 4.92 -7.45
C VAL A 58 -2.28 5.33 -7.17
N ILE A 59 -2.08 6.01 -6.04
CA ILE A 59 -0.76 6.47 -5.63
C ILE A 59 -0.12 5.49 -4.67
N GLN A 60 1.06 4.98 -5.03
CA GLN A 60 1.76 4.00 -4.23
C GLN A 60 3.23 4.30 -4.01
N PHE A 61 3.68 4.15 -2.76
CA PHE A 61 5.10 4.32 -2.44
C PHE A 61 5.64 2.90 -2.35
N GLY A 62 6.62 2.57 -3.19
CA GLY A 62 7.16 1.23 -3.16
C GLY A 62 8.68 1.17 -3.09
N VAL A 63 9.20 -0.04 -2.92
CA VAL A 63 10.63 -0.26 -2.85
C VAL A 63 10.95 -1.50 -3.68
N ALA A 64 12.00 -1.43 -4.49
CA ALA A 64 12.37 -2.57 -5.33
C ALA A 64 11.17 -3.03 -6.15
N GLU A 65 10.92 -4.34 -6.17
CA GLU A 65 9.80 -4.90 -6.93
C GLU A 65 8.52 -4.48 -6.23
N HIS A 66 7.63 -3.81 -6.95
CA HIS A 66 6.40 -3.34 -6.36
C HIS A 66 5.13 -3.60 -7.17
N GLY A 67 5.13 -4.66 -7.96
CA GLY A 67 3.93 -4.99 -8.71
C GLY A 67 3.91 -4.83 -10.21
N ASP A 68 4.95 -4.26 -10.80
CA ASP A 68 4.96 -4.10 -12.25
C ASP A 68 6.28 -4.54 -12.85
N GLY A 69 6.48 -4.27 -14.13
CA GLY A 69 7.72 -4.67 -14.78
C GLY A 69 8.88 -3.71 -14.63
N TYR A 70 8.76 -2.73 -13.73
CA TYR A 70 9.82 -1.76 -13.54
C TYR A 70 10.12 -1.51 -12.06
N PRO A 71 10.79 -2.47 -11.40
CA PRO A 71 11.12 -2.33 -9.97
C PRO A 71 12.05 -1.15 -9.72
N PHE A 72 11.92 -0.56 -8.54
CA PHE A 72 12.78 0.56 -8.20
C PHE A 72 14.17 0.06 -7.90
N ASP A 73 15.16 0.89 -8.19
CA ASP A 73 16.56 0.55 -7.99
C ASP A 73 17.05 0.79 -6.56
N GLY A 74 16.79 1.98 -6.04
CA GLY A 74 17.22 2.28 -4.69
C GLY A 74 17.47 3.77 -4.56
N LYS A 75 18.47 4.13 -3.78
CA LYS A 75 18.81 5.54 -3.59
C LYS A 75 19.15 6.19 -4.92
N ASP A 76 18.52 7.34 -5.18
CA ASP A 76 18.75 8.09 -6.41
C ASP A 76 18.28 7.32 -7.65
N GLY A 77 18.80 7.70 -8.80
CA GLY A 77 18.42 7.04 -10.03
C GLY A 77 16.94 7.29 -10.29
N LEU A 78 16.20 6.23 -10.56
CA LEU A 78 14.76 6.36 -10.81
C LEU A 78 14.06 6.85 -9.54
N LEU A 79 13.37 7.98 -9.63
CA LEU A 79 12.68 8.55 -8.49
C LEU A 79 11.21 8.12 -8.42
N ALA A 80 10.61 7.96 -9.59
CA ALA A 80 9.21 7.58 -9.69
C ALA A 80 8.81 7.46 -11.16
N HIS A 81 7.64 6.86 -11.39
CA HIS A 81 7.11 6.69 -12.73
C HIS A 81 5.58 6.60 -12.63
N ALA A 82 4.89 6.85 -13.74
CA ALA A 82 3.43 6.82 -13.75
C ALA A 82 2.94 6.27 -15.08
N PHE A 83 1.83 5.55 -15.06
CA PHE A 83 1.29 4.98 -16.28
C PHE A 83 0.28 5.91 -16.94
N PRO A 84 0.24 5.92 -18.28
CA PRO A 84 -0.70 6.78 -19.03
C PRO A 84 -2.15 6.38 -18.79
N PRO A 85 -3.10 7.28 -19.08
CA PRO A 85 -4.53 7.03 -18.90
C PRO A 85 -5.02 5.66 -19.39
N GLY A 86 -5.95 5.09 -18.63
CA GLY A 86 -6.50 3.79 -19.00
C GLY A 86 -6.99 3.07 -17.76
N PRO A 87 -7.52 1.86 -17.93
CA PRO A 87 -8.03 1.07 -16.81
C PRO A 87 -6.92 0.33 -16.08
N GLY A 88 -7.22 -0.10 -14.86
CA GLY A 88 -6.26 -0.85 -14.07
C GLY A 88 -5.07 -0.07 -13.57
N ILE A 89 -3.88 -0.62 -13.80
CA ILE A 89 -2.66 0.03 -13.37
C ILE A 89 -2.44 1.33 -14.14
N GLN A 90 -3.11 1.46 -15.29
CA GLN A 90 -2.99 2.66 -16.11
C GLN A 90 -3.41 3.88 -15.29
N GLY A 91 -2.66 4.97 -15.39
CA GLY A 91 -2.99 6.17 -14.64
C GLY A 91 -2.42 6.20 -13.23
N ASP A 92 -1.86 5.08 -12.76
CA ASP A 92 -1.30 5.02 -11.41
C ASP A 92 0.08 5.66 -11.32
N ALA A 93 0.40 6.22 -10.15
CA ALA A 93 1.68 6.87 -9.90
C ALA A 93 2.44 6.15 -8.79
N HIS A 94 3.65 5.71 -9.10
CA HIS A 94 4.49 4.99 -8.13
C HIS A 94 5.73 5.80 -7.74
N PHE A 95 6.00 5.87 -6.44
CA PHE A 95 7.16 6.60 -5.93
C PHE A 95 8.10 5.66 -5.18
N ASP A 96 9.40 5.78 -5.45
CA ASP A 96 10.44 4.94 -4.82
C ASP A 96 10.70 5.42 -3.40
N ASP A 97 10.20 4.67 -2.42
CA ASP A 97 10.37 5.04 -1.03
C ASP A 97 11.83 4.87 -0.56
N ASP A 98 12.71 4.40 -1.44
CA ASP A 98 14.11 4.28 -1.06
C ASP A 98 14.75 5.66 -1.20
N GLU A 99 14.04 6.60 -1.81
CA GLU A 99 14.54 7.96 -1.97
C GLU A 99 14.23 8.74 -0.70
N LEU A 100 14.94 9.84 -0.50
CA LEU A 100 14.67 10.70 0.65
C LEU A 100 13.65 11.72 0.16
N TRP A 101 12.41 11.63 0.64
CA TRP A 101 11.38 12.57 0.22
C TRP A 101 11.28 13.75 1.18
N SER A 102 11.29 14.96 0.61
CA SER A 102 11.20 16.19 1.39
C SER A 102 10.43 17.22 0.55
N LEU A 103 10.58 18.49 0.89
CA LEU A 103 9.93 19.59 0.18
C LEU A 103 10.86 20.80 0.23
N GLY A 104 10.66 21.74 -0.69
CA GLY A 104 11.48 22.95 -0.72
C GLY A 104 12.98 22.77 -0.83
N LYS A 105 13.72 23.81 -0.49
CA LYS A 105 15.19 23.77 -0.53
C LYS A 105 15.71 22.74 0.46
N GLY A 106 16.91 22.23 0.22
CA GLY A 106 17.50 21.24 1.12
C GLY A 106 17.67 19.87 0.48
N GLN A 107 18.33 18.95 1.20
CA GLN A 107 18.54 17.62 0.64
C GLN A 107 17.26 16.81 0.48
N GLY A 108 17.33 15.77 -0.35
CA GLY A 108 16.18 14.94 -0.62
C GLY A 108 15.48 15.46 -1.87
N TYR A 109 14.43 14.77 -2.30
CA TYR A 109 13.70 15.20 -3.49
C TYR A 109 12.34 15.76 -3.10
N SER A 110 11.86 16.78 -3.81
CA SER A 110 10.57 17.36 -3.50
C SER A 110 9.44 16.42 -3.93
N LEU A 111 8.64 15.96 -2.98
CA LEU A 111 7.53 15.07 -3.31
C LEU A 111 6.51 15.86 -4.13
N PHE A 112 6.35 17.13 -3.79
CA PHE A 112 5.42 18.02 -4.50
C PHE A 112 5.72 18.10 -5.98
N LEU A 113 6.95 18.48 -6.33
CA LEU A 113 7.34 18.61 -7.73
C LEU A 113 7.35 17.26 -8.46
N VAL A 114 7.90 16.24 -7.82
CA VAL A 114 7.93 14.94 -8.47
C VAL A 114 6.50 14.43 -8.68
N ALA A 115 5.63 14.61 -7.68
CA ALA A 115 4.25 14.15 -7.83
C ALA A 115 3.54 14.89 -8.96
N ALA A 116 3.71 16.22 -9.01
CA ALA A 116 3.08 17.02 -10.05
C ALA A 116 3.51 16.50 -11.43
N HIS A 117 4.79 16.17 -11.57
CA HIS A 117 5.34 15.65 -12.83
C HIS A 117 4.67 14.32 -13.18
N GLN A 118 4.59 13.43 -12.19
CA GLN A 118 3.97 12.11 -12.37
C GLN A 118 2.48 12.21 -12.71
N PHE A 119 1.79 13.18 -12.12
CA PHE A 119 0.36 13.33 -12.41
C PHE A 119 0.22 13.80 -13.85
N GLY A 120 1.25 14.47 -14.37
CA GLY A 120 1.23 14.91 -15.75
C GLY A 120 1.16 13.68 -16.62
N HIS A 121 2.03 12.70 -16.34
CA HIS A 121 2.04 11.45 -17.09
C HIS A 121 0.69 10.74 -16.94
N ALA A 122 0.19 10.67 -15.71
CA ALA A 122 -1.10 9.99 -15.45
C ALA A 122 -2.28 10.64 -16.16
N LEU A 123 -2.04 11.83 -16.72
CA LEU A 123 -3.07 12.57 -17.45
C LEU A 123 -2.88 12.42 -18.95
N GLY A 124 -1.76 11.81 -19.33
CA GLY A 124 -1.49 11.61 -20.74
C GLY A 124 -0.33 12.43 -21.29
N LEU A 125 0.31 13.22 -20.44
CA LEU A 125 1.43 14.03 -20.91
C LEU A 125 2.71 13.21 -21.06
N ASP A 126 3.49 13.53 -22.09
CA ASP A 126 4.77 12.86 -22.32
C ASP A 126 5.85 13.81 -21.82
N HIS A 127 7.10 13.38 -21.85
CA HIS A 127 8.20 14.23 -21.40
C HIS A 127 8.38 15.42 -22.33
N SER A 128 8.83 16.54 -21.77
CA SER A 128 9.06 17.75 -22.55
C SER A 128 10.55 17.90 -22.82
N SER A 129 10.88 18.59 -23.91
CA SER A 129 12.27 18.82 -24.28
C SER A 129 12.73 20.18 -23.73
N VAL A 130 11.82 20.88 -23.06
CA VAL A 130 12.13 22.20 -22.49
C VAL A 130 12.71 22.00 -21.08
N PRO A 131 14.02 22.25 -20.91
CA PRO A 131 14.72 22.11 -19.62
C PRO A 131 13.99 22.71 -18.41
N GLU A 132 13.25 23.78 -18.62
CA GLU A 132 12.55 24.45 -17.53
C GLU A 132 11.13 23.97 -17.28
N ALA A 133 10.62 23.14 -18.19
CA ALA A 133 9.27 22.60 -18.06
C ALA A 133 9.22 21.56 -16.96
N LEU A 134 8.08 21.46 -16.30
CA LEU A 134 7.91 20.48 -15.23
C LEU A 134 8.03 19.07 -15.81
N MET A 135 7.60 18.90 -17.06
CA MET A 135 7.66 17.57 -17.68
C MET A 135 9.03 17.18 -18.24
N TYR A 136 10.05 17.94 -17.88
CA TYR A 136 11.40 17.62 -18.32
C TYR A 136 11.74 16.34 -17.55
N PRO A 137 12.41 15.37 -18.19
CA PRO A 137 12.79 14.10 -17.56
C PRO A 137 13.87 14.11 -16.48
N MET A 138 14.51 15.25 -16.27
CA MET A 138 15.57 15.35 -15.26
C MET A 138 15.13 16.21 -14.09
N TYR A 139 15.33 15.70 -12.88
CA TYR A 139 14.96 16.43 -11.67
C TYR A 139 15.90 17.58 -11.35
N ARG A 140 15.34 18.63 -10.78
CA ARG A 140 16.08 19.81 -10.36
C ARG A 140 15.09 20.65 -9.58
N PHE A 141 15.49 21.09 -8.39
CA PHE A 141 14.60 21.89 -7.58
C PHE A 141 14.77 23.37 -7.89
N THR A 142 13.66 24.09 -7.91
CA THR A 142 13.66 25.53 -8.16
C THR A 142 12.41 26.08 -7.50
N GLU A 143 12.39 27.39 -7.26
CA GLU A 143 11.23 28.01 -6.67
C GLU A 143 10.34 28.54 -7.79
N GLY A 144 9.17 29.05 -7.45
CA GLY A 144 8.28 29.57 -8.47
C GLY A 144 7.29 28.56 -9.01
N PRO A 145 6.27 29.00 -9.77
CA PRO A 145 5.25 28.15 -10.37
C PRO A 145 5.86 27.00 -11.16
N PRO A 146 5.53 25.76 -10.78
CA PRO A 146 6.05 24.56 -11.45
C PRO A 146 5.68 24.44 -12.92
N LEU A 147 4.45 24.82 -13.27
CA LEU A 147 4.00 24.70 -14.66
C LEU A 147 4.56 25.75 -15.60
N HIS A 148 5.28 25.29 -16.60
CA HIS A 148 5.88 26.14 -17.61
C HIS A 148 4.83 26.30 -18.74
N LYS A 149 4.95 27.35 -19.55
CA LYS A 149 3.99 27.54 -20.64
C LYS A 149 3.86 26.27 -21.47
N ASP A 150 4.97 25.55 -21.62
CA ASP A 150 4.94 24.32 -22.40
C ASP A 150 4.07 23.26 -21.72
N ASP A 151 4.06 23.26 -20.39
CA ASP A 151 3.27 22.29 -19.62
C ASP A 151 1.78 22.64 -19.72
N VAL A 152 1.47 23.92 -19.64
CA VAL A 152 0.09 24.38 -19.71
C VAL A 152 -0.49 24.11 -21.09
N ASN A 153 0.30 24.34 -22.14
CA ASN A 153 -0.20 24.09 -23.51
C ASN A 153 -0.42 22.61 -23.75
N GLY A 154 0.47 21.79 -23.20
CA GLY A 154 0.37 20.36 -23.38
C GLY A 154 -0.90 19.78 -22.76
N ILE A 155 -1.19 20.15 -21.51
CA ILE A 155 -2.36 19.64 -20.82
C ILE A 155 -3.67 20.15 -21.43
N ARG A 156 -3.71 21.43 -21.79
CA ARG A 156 -4.91 22.01 -22.41
C ARG A 156 -5.16 21.42 -23.80
N HIS A 157 -4.09 21.04 -24.50
CA HIS A 157 -4.26 20.45 -25.83
C HIS A 157 -5.02 19.14 -25.68
N LEU A 158 -4.90 18.52 -24.51
CA LEU A 158 -5.58 17.25 -24.26
C LEU A 158 -6.98 17.44 -23.68
N TYR A 159 -7.14 18.36 -22.72
CA TYR A 159 -8.44 18.58 -22.09
C TYR A 159 -9.07 19.97 -22.19
N LEU B 5 -14.38 -25.05 5.10
CA LEU B 5 -14.09 -23.87 4.24
C LEU B 5 -12.57 -23.64 4.17
N LYS B 6 -12.02 -23.69 2.96
CA LYS B 6 -10.58 -23.51 2.79
C LYS B 6 -10.24 -23.17 1.35
N TRP B 7 -9.01 -22.73 1.12
CA TRP B 7 -8.57 -22.41 -0.23
C TRP B 7 -8.51 -23.69 -1.05
N HIS B 8 -8.74 -23.57 -2.37
CA HIS B 8 -8.69 -24.72 -3.27
C HIS B 8 -7.38 -24.75 -4.06
N HIS B 9 -6.44 -23.90 -3.69
CA HIS B 9 -5.14 -23.88 -4.34
C HIS B 9 -4.10 -23.73 -3.21
N HIS B 10 -2.86 -24.13 -3.47
CA HIS B 10 -1.82 -24.07 -2.46
C HIS B 10 -0.90 -22.87 -2.58
N ASN B 11 -0.73 -22.34 -3.79
CA ASN B 11 0.14 -21.19 -3.98
C ASN B 11 -0.59 -19.88 -3.64
N ILE B 12 -0.74 -19.66 -2.33
CA ILE B 12 -1.44 -18.50 -1.82
C ILE B 12 -0.67 -17.18 -1.93
N THR B 13 -1.39 -16.12 -2.26
CA THR B 13 -0.76 -14.82 -2.41
C THR B 13 -1.30 -13.81 -1.42
N TYR B 14 -0.47 -12.85 -1.05
CA TYR B 14 -0.89 -11.82 -0.11
C TYR B 14 -0.41 -10.43 -0.51
N TRP B 15 -1.15 -9.43 -0.06
CA TRP B 15 -0.80 -8.06 -0.38
C TRP B 15 -0.77 -7.16 0.84
N ILE B 16 0.39 -6.55 1.06
CA ILE B 16 0.55 -5.63 2.17
C ILE B 16 0.06 -4.31 1.58
N GLN B 17 -1.23 -4.02 1.73
CA GLN B 17 -1.80 -2.80 1.18
C GLN B 17 -1.21 -1.52 1.77
N ASN B 18 -0.93 -1.54 3.07
CA ASN B 18 -0.36 -0.37 3.74
C ASN B 18 0.39 -0.80 5.00
N TYR B 19 0.87 0.18 5.76
CA TYR B 19 1.64 -0.11 6.96
C TYR B 19 1.19 0.69 8.18
N SER B 20 1.87 0.48 9.31
CA SER B 20 1.60 1.20 10.54
C SER B 20 2.81 2.07 10.82
N GLU B 21 2.59 3.23 11.44
CA GLU B 21 3.69 4.12 11.77
C GLU B 21 4.49 3.63 12.96
N ASP B 22 4.03 2.56 13.59
CA ASP B 22 4.72 2.03 14.76
C ASP B 22 5.96 1.23 14.42
N LEU B 23 6.01 0.71 13.20
CA LEU B 23 7.11 -0.12 12.76
C LEU B 23 7.54 0.18 11.33
N PRO B 24 8.84 0.01 11.04
CA PRO B 24 9.36 0.27 9.69
C PRO B 24 8.83 -0.77 8.73
N ARG B 25 8.70 -0.37 7.46
CA ARG B 25 8.23 -1.27 6.43
C ARG B 25 8.99 -2.59 6.45
N ALA B 26 10.31 -2.51 6.45
CA ALA B 26 11.14 -3.71 6.45
C ALA B 26 10.77 -4.65 7.59
N VAL B 27 10.45 -4.09 8.75
CA VAL B 27 10.08 -4.89 9.91
C VAL B 27 8.69 -5.50 9.72
N ILE B 28 7.78 -4.71 9.18
CA ILE B 28 6.43 -5.20 8.95
C ILE B 28 6.47 -6.31 7.90
N ASP B 29 7.13 -6.04 6.77
CA ASP B 29 7.23 -7.04 5.71
C ASP B 29 7.72 -8.36 6.30
N ASP B 30 8.81 -8.28 7.07
CA ASP B 30 9.39 -9.47 7.66
C ASP B 30 8.49 -10.18 8.66
N ALA B 31 7.76 -9.40 9.47
CA ALA B 31 6.86 -9.96 10.47
C ALA B 31 5.78 -10.80 9.82
N PHE B 32 5.15 -10.26 8.78
CA PHE B 32 4.10 -10.99 8.07
C PHE B 32 4.68 -12.21 7.36
N ALA B 33 5.87 -12.08 6.78
CA ALA B 33 6.49 -13.21 6.09
C ALA B 33 6.78 -14.35 7.08
N ARG B 34 7.32 -14.03 8.25
CA ARG B 34 7.60 -15.06 9.24
C ARG B 34 6.29 -15.67 9.76
N ALA B 35 5.24 -14.87 9.86
CA ALA B 35 3.96 -15.40 10.34
C ALA B 35 3.43 -16.43 9.33
N PHE B 36 3.57 -16.15 8.03
CA PHE B 36 3.14 -17.08 7.00
C PHE B 36 4.05 -18.31 7.00
N ALA B 37 5.35 -18.08 7.12
CA ALA B 37 6.32 -19.17 7.13
C ALA B 37 5.98 -20.21 8.19
N LEU B 38 5.26 -19.81 9.23
CA LEU B 38 4.86 -20.75 10.27
C LEU B 38 3.89 -21.77 9.73
N TRP B 39 2.94 -21.31 8.92
CA TRP B 39 1.93 -22.20 8.36
C TRP B 39 2.41 -23.03 7.20
N SER B 40 3.32 -22.47 6.40
CA SER B 40 3.84 -23.22 5.27
C SER B 40 4.84 -24.26 5.77
N ALA B 41 5.29 -24.12 7.01
CA ALA B 41 6.24 -25.06 7.58
C ALA B 41 5.60 -26.41 7.85
N VAL B 42 4.33 -26.40 8.21
CA VAL B 42 3.61 -27.62 8.51
C VAL B 42 2.58 -28.04 7.46
N THR B 43 2.55 -27.37 6.32
CA THR B 43 1.60 -27.72 5.27
C THR B 43 2.24 -27.57 3.90
N PRO B 44 1.54 -28.00 2.84
CA PRO B 44 2.07 -27.89 1.49
C PRO B 44 1.80 -26.50 0.90
N LEU B 45 1.26 -25.62 1.72
CA LEU B 45 0.94 -24.25 1.29
C LEU B 45 2.18 -23.39 1.12
N THR B 46 2.12 -22.43 0.21
CA THR B 46 3.22 -21.50 0.01
C THR B 46 2.59 -20.12 0.00
N PHE B 47 3.40 -19.10 0.28
CA PHE B 47 2.89 -17.74 0.31
C PHE B 47 3.75 -16.81 -0.53
N THR B 48 3.12 -16.16 -1.48
CA THR B 48 3.81 -15.25 -2.39
C THR B 48 3.29 -13.84 -2.23
N ARG B 49 4.21 -12.89 -2.05
CA ARG B 49 3.81 -11.51 -1.89
C ARG B 49 3.54 -10.88 -3.23
N VAL B 50 2.38 -10.24 -3.36
CA VAL B 50 2.00 -9.58 -4.60
C VAL B 50 1.63 -8.14 -4.29
N TYR B 51 1.28 -7.37 -5.32
CA TYR B 51 0.97 -5.97 -5.08
C TYR B 51 -0.35 -5.44 -5.62
N SER B 52 -1.41 -6.26 -5.58
CA SER B 52 -2.72 -5.84 -6.06
C SER B 52 -3.83 -6.66 -5.41
N ARG B 53 -5.06 -6.24 -5.68
CA ARG B 53 -6.26 -6.90 -5.17
C ARG B 53 -6.38 -8.33 -5.67
N ASP B 54 -5.50 -8.75 -6.59
CA ASP B 54 -5.55 -10.11 -7.09
C ASP B 54 -5.12 -11.10 -6.01
N ALA B 55 -4.48 -10.58 -4.96
CA ALA B 55 -4.02 -11.41 -3.85
C ALA B 55 -5.17 -12.12 -3.17
N ASP B 56 -4.89 -13.29 -2.61
CA ASP B 56 -5.93 -14.04 -1.90
C ASP B 56 -6.14 -13.36 -0.56
N ILE B 57 -5.03 -13.04 0.09
CA ILE B 57 -5.05 -12.41 1.38
C ILE B 57 -4.59 -10.97 1.31
N VAL B 58 -5.52 -10.04 1.47
CA VAL B 58 -5.18 -8.63 1.44
C VAL B 58 -5.02 -8.20 2.91
N ILE B 59 -3.85 -7.65 3.22
CA ILE B 59 -3.50 -7.19 4.58
C ILE B 59 -3.59 -5.67 4.64
N GLN B 60 -4.24 -5.16 5.68
CA GLN B 60 -4.40 -3.72 5.80
C GLN B 60 -4.45 -3.25 7.25
N PHE B 61 -3.91 -2.04 7.48
CA PHE B 61 -3.93 -1.42 8.79
C PHE B 61 -4.99 -0.32 8.70
N GLY B 62 -5.78 -0.16 9.74
CA GLY B 62 -6.81 0.87 9.73
C GLY B 62 -7.30 1.19 11.12
N VAL B 63 -8.04 2.29 11.24
CA VAL B 63 -8.59 2.70 12.53
C VAL B 63 -10.07 3.01 12.33
N ALA B 64 -10.89 2.68 13.33
CA ALA B 64 -12.33 2.92 13.25
C ALA B 64 -12.88 2.40 11.93
N GLU B 65 -13.66 3.20 11.24
CA GLU B 65 -14.23 2.78 9.96
C GLU B 65 -13.12 2.66 8.92
N HIS B 66 -12.96 1.48 8.34
CA HIS B 66 -11.91 1.29 7.33
C HIS B 66 -12.40 0.64 6.04
N GLY B 67 -13.67 0.87 5.72
CA GLY B 67 -14.25 0.37 4.49
C GLY B 67 -14.72 -1.07 4.30
N ASP B 68 -15.19 -1.73 5.36
CA ASP B 68 -15.65 -3.10 5.19
C ASP B 68 -16.86 -3.47 6.05
N GLY B 69 -17.50 -2.47 6.65
CA GLY B 69 -18.66 -2.77 7.47
C GLY B 69 -18.33 -3.23 8.88
N TYR B 70 -17.04 -3.45 9.16
CA TYR B 70 -16.63 -3.88 10.49
C TYR B 70 -15.62 -2.91 11.07
N PRO B 71 -16.08 -1.74 11.52
CA PRO B 71 -15.20 -0.73 12.10
C PRO B 71 -14.45 -1.23 13.33
N PHE B 72 -13.22 -0.75 13.52
CA PHE B 72 -12.45 -1.12 14.68
C PHE B 72 -12.98 -0.28 15.84
N ASP B 73 -12.69 -0.72 17.06
CA ASP B 73 -13.18 -0.07 18.27
C ASP B 73 -12.20 0.86 18.99
N GLY B 74 -11.08 1.18 18.35
CA GLY B 74 -10.12 2.05 18.98
C GLY B 74 -9.17 1.26 19.86
N LYS B 75 -8.38 1.97 20.67
CA LYS B 75 -7.41 1.32 21.53
C LYS B 75 -8.02 0.19 22.37
N ASP B 76 -7.31 -0.93 22.40
CA ASP B 76 -7.74 -2.11 23.14
C ASP B 76 -8.96 -2.76 22.51
N GLY B 77 -9.55 -3.72 23.21
CA GLY B 77 -10.71 -4.41 22.68
C GLY B 77 -10.25 -5.30 21.54
N LEU B 78 -10.90 -5.20 20.39
CA LEU B 78 -10.50 -6.00 19.25
C LEU B 78 -9.20 -5.44 18.70
N LEU B 79 -8.23 -6.33 18.49
CA LEU B 79 -6.93 -5.95 17.97
C LEU B 79 -6.89 -6.09 16.46
N ALA B 80 -7.62 -7.06 15.94
CA ALA B 80 -7.63 -7.30 14.51
C ALA B 80 -8.68 -8.34 14.13
N HIS B 81 -8.94 -8.47 12.85
CA HIS B 81 -9.90 -9.45 12.36
C HIS B 81 -9.57 -9.90 10.95
N ALA B 82 -10.01 -11.10 10.59
CA ALA B 82 -9.75 -11.66 9.28
C ALA B 82 -10.95 -12.48 8.84
N PHE B 83 -11.08 -12.68 7.52
CA PHE B 83 -12.19 -13.44 6.94
C PHE B 83 -11.71 -14.78 6.40
N PRO B 84 -12.56 -15.82 6.48
CA PRO B 84 -12.21 -17.16 5.98
C PRO B 84 -12.05 -17.18 4.45
N PRO B 85 -11.35 -18.19 3.93
CA PRO B 85 -11.11 -18.32 2.48
C PRO B 85 -12.32 -18.07 1.58
N GLY B 86 -12.10 -17.37 0.48
CA GLY B 86 -13.17 -17.07 -0.45
C GLY B 86 -12.83 -15.90 -1.36
N PRO B 87 -13.75 -15.49 -2.25
CA PRO B 87 -13.50 -14.37 -3.15
C PRO B 87 -13.68 -13.02 -2.46
N GLY B 88 -13.20 -11.96 -3.11
CA GLY B 88 -13.34 -10.63 -2.55
C GLY B 88 -12.64 -10.41 -1.23
N ILE B 89 -13.34 -9.78 -0.29
CA ILE B 89 -12.77 -9.49 1.03
C ILE B 89 -12.47 -10.77 1.83
N GLN B 90 -13.04 -11.89 1.42
CA GLN B 90 -12.80 -13.15 2.11
C GLN B 90 -11.30 -13.43 2.10
N GLY B 91 -10.78 -13.91 3.22
CA GLY B 91 -9.35 -14.22 3.32
C GLY B 91 -8.49 -13.04 3.74
N ASP B 92 -9.08 -11.85 3.72
CA ASP B 92 -8.35 -10.64 4.09
C ASP B 92 -8.11 -10.54 5.60
N ALA B 93 -7.07 -9.80 5.97
CA ALA B 93 -6.69 -9.63 7.38
C ALA B 93 -6.41 -8.16 7.67
N HIS B 94 -7.19 -7.57 8.57
CA HIS B 94 -7.06 -6.17 8.95
C HIS B 94 -6.58 -6.02 10.41
N PHE B 95 -5.67 -5.08 10.63
CA PHE B 95 -5.13 -4.83 11.97
C PHE B 95 -5.52 -3.45 12.49
N ASP B 96 -6.04 -3.39 13.71
CA ASP B 96 -6.44 -2.12 14.30
C ASP B 96 -5.21 -1.27 14.62
N ASP B 97 -5.01 -0.17 13.91
CA ASP B 97 -3.83 0.66 14.14
C ASP B 97 -3.96 1.62 15.34
N ASP B 98 -5.06 1.54 16.08
CA ASP B 98 -5.20 2.35 17.27
C ASP B 98 -4.43 1.61 18.36
N GLU B 99 -3.95 0.41 18.04
CA GLU B 99 -3.18 -0.38 19.00
C GLU B 99 -1.71 -0.08 18.74
N LEU B 100 -0.88 -0.27 19.76
CA LEU B 100 0.56 -0.08 19.61
C LEU B 100 1.10 -1.42 19.12
N TRP B 101 1.67 -1.42 17.92
CA TRP B 101 2.22 -2.65 17.33
C TRP B 101 3.72 -2.71 17.51
N SER B 102 4.21 -3.81 18.07
CA SER B 102 5.63 -3.99 18.30
C SER B 102 5.96 -5.47 18.13
N LEU B 103 7.06 -5.91 18.69
CA LEU B 103 7.49 -7.31 18.61
C LEU B 103 8.21 -7.72 19.88
N GLY B 104 8.18 -9.01 20.20
CA GLY B 104 8.87 -9.50 21.38
C GLY B 104 8.43 -8.92 22.72
N LYS B 105 9.26 -9.09 23.74
CA LYS B 105 8.96 -8.58 25.07
C LYS B 105 8.80 -7.06 25.04
N GLY B 106 8.00 -6.53 25.96
CA GLY B 106 7.79 -5.10 26.02
C GLY B 106 6.37 -4.63 25.75
N GLN B 107 6.17 -3.33 25.89
CA GLN B 107 4.88 -2.69 25.68
C GLN B 107 4.45 -2.88 24.23
N GLY B 108 3.13 -2.90 24.00
CA GLY B 108 2.61 -3.08 22.67
C GLY B 108 2.25 -4.52 22.38
N TYR B 109 1.52 -4.74 21.29
CA TYR B 109 1.11 -6.08 20.89
C TYR B 109 2.04 -6.58 19.80
N SER B 110 2.34 -7.88 19.83
CA SER B 110 3.22 -8.45 18.81
C SER B 110 2.47 -8.55 17.50
N LEU B 111 2.96 -7.85 16.48
CA LEU B 111 2.33 -7.89 15.18
C LEU B 111 2.48 -9.30 14.63
N PHE B 112 3.64 -9.89 14.88
CA PHE B 112 3.97 -11.24 14.42
C PHE B 112 2.97 -12.29 14.92
N LEU B 113 2.77 -12.34 16.24
CA LEU B 113 1.84 -13.31 16.83
C LEU B 113 0.40 -13.07 16.40
N VAL B 114 -0.04 -11.82 16.44
CA VAL B 114 -1.40 -11.48 16.05
C VAL B 114 -1.62 -11.82 14.58
N ALA B 115 -0.66 -11.45 13.75
CA ALA B 115 -0.76 -11.74 12.33
C ALA B 115 -0.88 -13.24 12.09
N ALA B 116 0.00 -14.03 12.71
CA ALA B 116 -0.06 -15.48 12.52
C ALA B 116 -1.45 -16.00 12.87
N HIS B 117 -2.02 -15.49 13.97
CA HIS B 117 -3.36 -15.88 14.40
C HIS B 117 -4.35 -15.54 13.29
N GLN B 118 -4.31 -14.29 12.83
CA GLN B 118 -5.20 -13.82 11.76
C GLN B 118 -5.05 -14.66 10.48
N PHE B 119 -3.81 -14.96 10.10
CA PHE B 119 -3.59 -15.76 8.91
C PHE B 119 -4.21 -17.14 9.10
N GLY B 120 -4.22 -17.62 10.34
CA GLY B 120 -4.84 -18.90 10.63
C GLY B 120 -6.28 -18.85 10.17
N HIS B 121 -6.96 -17.77 10.51
CA HIS B 121 -8.34 -17.59 10.11
C HIS B 121 -8.44 -17.48 8.60
N ALA B 122 -7.57 -16.66 8.02
CA ALA B 122 -7.56 -16.44 6.58
C ALA B 122 -7.33 -17.75 5.83
N LEU B 123 -6.82 -18.75 6.53
CA LEU B 123 -6.57 -20.05 5.92
C LEU B 123 -7.72 -21.00 6.19
N GLY B 124 -8.66 -20.58 7.02
CA GLY B 124 -9.82 -21.39 7.32
C GLY B 124 -9.93 -21.91 8.75
N LEU B 125 -8.94 -21.61 9.60
CA LEU B 125 -8.99 -22.09 10.99
C LEU B 125 -9.87 -21.23 11.88
N ASP B 126 -10.57 -21.89 12.80
CA ASP B 126 -11.45 -21.20 13.72
C ASP B 126 -10.71 -21.06 15.06
N HIS B 127 -11.38 -20.54 16.08
CA HIS B 127 -10.75 -20.36 17.39
C HIS B 127 -10.59 -21.67 18.15
N SER B 128 -9.47 -21.79 18.87
CA SER B 128 -9.18 -22.98 19.63
C SER B 128 -9.50 -22.81 21.10
N SER B 129 -9.90 -23.91 21.74
CA SER B 129 -10.22 -23.89 23.16
C SER B 129 -8.96 -24.07 23.99
N VAL B 130 -7.89 -24.54 23.36
CA VAL B 130 -6.60 -24.75 24.04
C VAL B 130 -5.95 -23.39 24.33
N PRO B 131 -5.87 -23.03 25.62
CA PRO B 131 -5.29 -21.76 26.08
C PRO B 131 -3.92 -21.41 25.50
N GLU B 132 -3.06 -22.41 25.36
CA GLU B 132 -1.72 -22.19 24.83
C GLU B 132 -1.64 -22.27 23.30
N ALA B 133 -2.77 -22.47 22.65
CA ALA B 133 -2.81 -22.56 21.19
C ALA B 133 -2.82 -21.18 20.56
N LEU B 134 -2.14 -21.03 19.43
CA LEU B 134 -2.10 -19.74 18.75
C LEU B 134 -3.50 -19.26 18.36
N MET B 135 -4.41 -20.20 18.08
CA MET B 135 -5.76 -19.82 17.69
C MET B 135 -6.69 -19.55 18.86
N TYR B 136 -6.11 -19.48 20.06
CA TYR B 136 -6.89 -19.18 21.26
C TYR B 136 -7.33 -17.73 21.05
N PRO B 137 -8.61 -17.42 21.30
CA PRO B 137 -9.16 -16.08 21.13
C PRO B 137 -8.64 -14.96 22.05
N MET B 138 -7.76 -15.31 22.99
CA MET B 138 -7.23 -14.30 23.91
C MET B 138 -5.74 -14.04 23.65
N TYR B 139 -5.39 -12.75 23.57
CA TYR B 139 -4.01 -12.38 23.33
C TYR B 139 -3.15 -12.60 24.56
N ARG B 140 -1.90 -12.98 24.32
CA ARG B 140 -0.93 -13.18 25.37
C ARG B 140 0.44 -13.34 24.72
N PHE B 141 1.41 -12.54 25.15
CA PHE B 141 2.73 -12.66 24.57
C PHE B 141 3.51 -13.77 25.28
N THR B 142 4.17 -14.62 24.51
CA THR B 142 4.95 -15.72 25.06
C THR B 142 6.08 -16.04 24.08
N GLU B 143 7.20 -16.55 24.58
CA GLU B 143 8.30 -16.91 23.70
C GLU B 143 8.05 -18.32 23.19
N GLY B 144 8.96 -18.81 22.35
CA GLY B 144 8.82 -20.16 21.81
C GLY B 144 7.90 -20.29 20.61
N PRO B 145 7.93 -21.45 19.92
CA PRO B 145 7.10 -21.74 18.75
C PRO B 145 5.63 -21.40 18.97
N PRO B 146 5.07 -20.51 18.14
CA PRO B 146 3.67 -20.09 18.26
C PRO B 146 2.66 -21.20 18.01
N LEU B 147 2.96 -22.07 17.06
CA LEU B 147 2.04 -23.16 16.72
C LEU B 147 2.03 -24.32 17.71
N HIS B 148 0.94 -24.43 18.44
CA HIS B 148 0.74 -25.49 19.42
C HIS B 148 0.29 -26.73 18.66
N LYS B 149 0.40 -27.90 19.29
CA LYS B 149 0.00 -29.15 18.65
C LYS B 149 -1.39 -29.06 18.03
N ASP B 150 -2.28 -28.33 18.70
CA ASP B 150 -3.65 -28.17 18.22
C ASP B 150 -3.70 -27.37 16.91
N ASP B 151 -2.93 -26.29 16.83
CA ASP B 151 -2.90 -25.46 15.62
C ASP B 151 -2.44 -26.28 14.42
N VAL B 152 -1.40 -27.08 14.63
CA VAL B 152 -0.85 -27.92 13.57
C VAL B 152 -1.88 -28.93 13.09
N ASN B 153 -2.54 -29.61 14.03
CA ASN B 153 -3.55 -30.60 13.67
C ASN B 153 -4.67 -29.96 12.87
N GLY B 154 -5.13 -28.80 13.34
CA GLY B 154 -6.20 -28.10 12.66
C GLY B 154 -5.85 -27.70 11.23
N ILE B 155 -4.69 -27.09 11.03
CA ILE B 155 -4.29 -26.67 9.70
C ILE B 155 -4.04 -27.88 8.80
N ARG B 156 -3.46 -28.94 9.35
CA ARG B 156 -3.21 -30.15 8.57
C ARG B 156 -4.50 -30.89 8.23
N HIS B 157 -5.51 -30.72 9.08
CA HIS B 157 -6.81 -31.33 8.84
C HIS B 157 -7.43 -30.74 7.57
N LEU B 158 -7.08 -29.49 7.28
CA LEU B 158 -7.60 -28.80 6.11
C LEU B 158 -6.73 -29.00 4.87
N TYR B 159 -5.42 -28.87 5.03
CA TYR B 159 -4.51 -29.01 3.92
C TYR B 159 -3.56 -30.20 4.03
ZN ZN C . 8.72 11.51 -16.20
ZN ZN D . 5.80 0.97 -10.56
CA CA E . 15.57 5.13 -6.90
CA CA F . -5.58 3.31 -12.51
CA CA G . 11.84 7.29 1.64
CA CA H . -10.09 24.49 -13.49
CL CL I . 1.26 3.36 4.80
CL CL J . 4.05 -1.29 -2.02
CL CL K . 8.72 21.97 -3.08
CAI 7MR L . 10.71 17.34 -10.79
CAH 7MR L . 11.29 18.60 -10.69
CAG 7MR L . 11.64 19.31 -11.83
CAR 7MR L . 11.43 18.75 -13.08
CAS 7MR L . 10.86 17.48 -13.19
CAT 7MR L . 10.50 16.77 -12.05
OAU 7MR L . 9.87 15.58 -12.17
CAV 7MR L . 10.66 14.46 -12.24
CAJ 7MR L . 11.94 14.50 -12.75
CAK 7MR L . 12.67 13.33 -12.90
CAW 7MR L . 10.12 13.25 -11.84
CAX 7MR L . 10.84 12.07 -11.98
CAL 7MR L . 12.13 12.11 -12.52
SAM 7MR L . 13.07 10.64 -12.66
OAY 7MR L . 14.41 10.88 -12.03
OAC 7MR L . 12.37 9.52 -11.95
CAN 7MR L . 13.33 10.20 -14.43
CAO 7MR L . 12.26 9.30 -15.05
CAP 7MR L . 12.70 8.87 -16.45
FBA 7MR L . 11.70 8.24 -17.06
FAF 7MR L . 13.03 9.94 -17.16
FAQ 7MR L . 13.75 8.07 -16.37
NAZ 7MR L . 12.09 8.11 -14.22
CAE 7MR L . 10.92 10.04 -15.16
OAB 7MR L . 10.85 11.16 -15.65
NAD 7MR L . 9.87 9.36 -14.71
OAA 7MR L . 8.58 9.95 -14.75
ZN ZN M . -9.18 -14.85 16.23
ZN ZN N . -11.72 -4.81 8.56
CA CA O . -9.09 -2.06 19.15
CA CA P . -9.36 -11.81 -0.29
CA CA Q . -0.77 1.96 16.09
CA CA R . 5.53 -26.84 3.44
CAI 7MR S . -1.97 -13.56 19.76
CAH 7MR S . -1.11 -14.04 20.75
CAG 7MR S . -1.43 -15.22 21.42
CAR 7MR S . -2.59 -15.92 21.11
CAS 7MR S . -3.43 -15.43 20.12
CAT 7MR S . -3.13 -14.26 19.44
OAU 7MR S . -3.92 -13.85 18.41
CAV 7MR S . -4.94 -12.99 18.70
CAJ 7MR S . -5.40 -12.13 17.71
CAK 7MR S . -6.49 -11.29 17.93
CAW 7MR S . -5.57 -13.00 19.94
CAX 7MR S . -6.67 -12.16 20.18
CAL 7MR S . -7.13 -11.31 19.18
SAM 7MR S . -8.45 -10.21 19.52
OAY 7MR S . -8.12 -9.47 20.79
OAC 7MR S . -8.60 -9.23 18.40
CAN 7MR S . -10.00 -11.14 19.77
CAO 7MR S . -10.81 -11.43 18.49
CAP 7MR S . -12.17 -12.04 18.86
FBA 7MR S . -12.88 -12.26 17.75
FAF 7MR S . -12.00 -13.20 19.49
FAQ 7MR S . -12.85 -11.20 19.64
NAZ 7MR S . -11.03 -10.17 17.77
CAE 7MR S . -10.07 -12.40 17.59
OAB 7MR S . -9.51 -13.40 18.04
NAD 7MR S . -10.11 -12.11 16.28
OAA 7MR S . -9.45 -12.96 15.35
#